data_6BUV
#
_entry.id   6BUV
#
_cell.length_a   163.730
_cell.length_b   163.730
_cell.length_c   153.650
_cell.angle_alpha   90.000
_cell.angle_beta   90.000
_cell.angle_gamma   120.000
#
_symmetry.space_group_name_H-M   'H 3 2'
#
loop_
_entity.id
_entity.type
_entity.pdbx_description
1 polymer 'nicotinate mononucleotide adenylyltransferase NadD'
2 non-polymer 'SODIUM ION'
3 non-polymer 'CHLORIDE ION'
4 non-polymer 1-methyl-3-(2-{[(1R,2R,5S)-5-methyl-2-(propan-2-yl)cyclohexyl]oxy}-2-oxoethyl)-2-(phenoxymethyl)-1H-1,3-benzimidazol-3-ium
5 water water
#
_entity_poly.entity_id   1
_entity_poly.type   'polypeptide(L)'
_entity_poly.pdbx_seq_one_letter_code
;GAMGRRLGVMGGTFDPIHYGHLVAASEVADLFDLDEVVFVPSGQPWQKGRQVSAAEHRYLMTVIATASNPRFSVSRVDID
RGGPTYTKDTLADLHALHPDSELYFTTGADALASIMSWQGWEELFELARFVGVSRPGYELRNEHITSLLGQLAKDALTLV
EIPALAISSTDCRQRAEQSRPLWYLMPDGVVQYVSKRRLYT
;
_entity_poly.pdbx_strand_id   A,B
#
# COMPACT_ATOMS: atom_id res chain seq x y z
N ARG A 5 -7.99 -18.40 23.45
CA ARG A 5 -6.94 -17.52 22.96
C ARG A 5 -6.36 -18.02 21.63
N ARG A 6 -6.14 -17.08 20.71
CA ARG A 6 -5.68 -17.39 19.37
C ARG A 6 -4.51 -16.49 19.01
N LEU A 7 -3.51 -17.08 18.40
CA LEU A 7 -2.27 -16.39 18.08
C LEU A 7 -1.91 -16.65 16.64
N GLY A 8 -1.62 -15.58 15.92
CA GLY A 8 -1.15 -15.70 14.54
C GLY A 8 0.36 -15.79 14.50
N VAL A 9 0.85 -16.62 13.59
CA VAL A 9 2.28 -16.80 13.32
C VAL A 9 2.46 -16.42 11.87
N MET A 10 3.09 -15.29 11.62
CA MET A 10 3.24 -14.77 10.27
C MET A 10 4.66 -15.05 9.79
N GLY A 11 4.82 -16.06 8.94
CA GLY A 11 6.14 -16.45 8.44
C GLY A 11 6.44 -15.74 7.13
N GLY A 12 7.70 -15.37 6.93
CA GLY A 12 8.06 -14.72 5.69
C GLY A 12 9.55 -14.46 5.70
N THR A 13 10.08 -14.12 4.52
CA THR A 13 11.47 -13.67 4.47
C THR A 13 11.59 -12.19 4.84
N PHE A 14 10.57 -11.39 4.56
CA PHE A 14 10.54 -9.96 4.90
C PHE A 14 11.79 -9.24 4.39
N ASP A 15 11.95 -9.26 3.08
CA ASP A 15 13.20 -8.80 2.45
C ASP A 15 12.91 -7.89 1.26
N PRO A 16 12.33 -6.70 1.49
CA PRO A 16 11.96 -6.17 2.80
C PRO A 16 10.51 -6.34 3.17
N ILE A 17 10.21 -6.17 4.46
CA ILE A 17 8.82 -6.06 4.91
C ILE A 17 8.24 -4.77 4.34
N HIS A 18 6.94 -4.78 4.06
CA HIS A 18 6.30 -3.58 3.52
C HIS A 18 4.85 -3.54 3.96
N TYR A 19 4.13 -2.49 3.52
CA TYR A 19 2.78 -2.32 4.02
C TYR A 19 1.86 -3.47 3.64
N GLY A 20 2.13 -4.12 2.51
CA GLY A 20 1.32 -5.27 2.12
C GLY A 20 1.33 -6.36 3.16
N HIS A 21 2.51 -6.64 3.71
CA HIS A 21 2.60 -7.65 4.76
C HIS A 21 1.83 -7.24 6.01
N LEU A 22 1.98 -5.96 6.40
CA LEU A 22 1.35 -5.45 7.60
C LEU A 22 -0.17 -5.42 7.46
N VAL A 23 -0.68 -5.02 6.29
CA VAL A 23 -2.13 -5.09 6.04
C VAL A 23 -2.60 -6.55 6.09
N ALA A 24 -1.84 -7.44 5.48
CA ALA A 24 -2.23 -8.85 5.45
C ALA A 24 -2.32 -9.41 6.88
N ALA A 25 -1.32 -9.12 7.71
CA ALA A 25 -1.35 -9.62 9.08
C ALA A 25 -2.52 -9.02 9.84
N SER A 26 -2.77 -7.73 9.65
CA SER A 26 -3.88 -7.08 10.32
C SER A 26 -5.22 -7.62 9.86
N GLU A 27 -5.33 -7.95 8.58
CA GLU A 27 -6.61 -8.47 8.07
C GLU A 27 -6.84 -9.90 8.54
N VAL A 28 -5.79 -10.74 8.55
CA VAL A 28 -5.93 -12.10 9.06
C VAL A 28 -6.30 -12.07 10.54
N ALA A 29 -5.66 -11.19 11.31
CA ALA A 29 -5.99 -11.09 12.73
C ALA A 29 -7.45 -10.70 12.94
N ASP A 30 -7.99 -9.83 12.08
CA ASP A 30 -9.40 -9.45 12.22
C ASP A 30 -10.32 -10.58 11.76
N LEU A 31 -9.97 -11.26 10.67
CA LEU A 31 -10.86 -12.30 10.16
C LEU A 31 -10.96 -13.47 11.13
N PHE A 32 -9.86 -13.80 11.81
CA PHE A 32 -9.82 -14.98 12.65
C PHE A 32 -9.82 -14.65 14.13
N ASP A 33 -10.04 -13.38 14.48
CA ASP A 33 -10.14 -12.97 15.88
C ASP A 33 -8.88 -13.34 16.66
N LEU A 34 -7.73 -13.02 16.09
CA LEU A 34 -6.46 -13.32 16.74
C LEU A 34 -6.15 -12.27 17.78
N ASP A 35 -5.68 -12.72 18.95
CA ASP A 35 -5.32 -11.80 20.01
C ASP A 35 -3.98 -11.12 19.75
N GLU A 36 -3.09 -11.78 19.02
CA GLU A 36 -1.81 -11.18 18.68
C GLU A 36 -1.25 -11.91 17.47
N VAL A 37 -0.28 -11.27 16.84
CA VAL A 37 0.42 -11.86 15.72
C VAL A 37 1.91 -11.81 16.00
N VAL A 38 2.59 -12.95 15.89
CA VAL A 38 4.05 -13.00 15.96
C VAL A 38 4.59 -13.17 14.55
N PHE A 39 5.44 -12.21 14.13
CA PHE A 39 6.17 -12.27 12.87
C PHE A 39 7.43 -13.11 13.07
N VAL A 40 7.67 -14.05 12.17
CA VAL A 40 8.82 -14.94 12.24
C VAL A 40 9.60 -14.87 10.93
N PRO A 41 10.62 -14.03 10.85
CA PRO A 41 11.49 -14.03 9.67
C PRO A 41 12.14 -15.40 9.50
N SER A 42 12.11 -15.90 8.27
CA SER A 42 12.56 -17.26 8.02
C SER A 42 14.05 -17.30 7.72
N GLY A 43 14.57 -18.53 7.63
CA GLY A 43 15.88 -18.75 7.04
C GLY A 43 15.81 -18.59 5.53
N GLN A 44 16.89 -19.00 4.87
CA GLN A 44 16.88 -19.02 3.40
C GLN A 44 15.72 -19.87 2.90
N PRO A 45 14.97 -19.41 1.90
CA PRO A 45 13.84 -20.23 1.41
C PRO A 45 14.31 -21.58 0.89
N TRP A 46 13.38 -22.53 0.89
CA TRP A 46 13.66 -23.85 0.33
C TRP A 46 13.84 -23.79 -1.18
N GLN A 47 13.04 -22.95 -1.84
CA GLN A 47 13.03 -22.85 -3.30
C GLN A 47 14.31 -22.19 -3.78
N LYS A 48 14.89 -22.72 -4.85
CA LYS A 48 16.10 -22.13 -5.42
C LYS A 48 15.82 -20.70 -5.88
N GLY A 49 16.76 -19.80 -5.59
CA GLY A 49 16.58 -18.41 -5.98
C GLY A 49 17.65 -17.54 -5.34
N ARG A 50 17.39 -16.23 -5.35
CA ARG A 50 18.36 -15.27 -4.83
C ARG A 50 18.67 -15.58 -3.37
N GLN A 51 19.89 -15.25 -2.96
CA GLN A 51 20.24 -15.27 -1.54
C GLN A 51 19.54 -14.10 -0.87
N VAL A 52 18.75 -14.37 0.16
CA VAL A 52 18.08 -13.27 0.83
C VAL A 52 19.11 -12.47 1.64
N SER A 53 18.71 -11.26 2.03
CA SER A 53 19.57 -10.43 2.87
C SER A 53 19.90 -11.15 4.16
N ALA A 54 21.01 -10.73 4.78
CA ALA A 54 21.41 -11.31 6.05
C ALA A 54 20.24 -11.30 7.01
N ALA A 55 20.15 -12.36 7.80
CA ALA A 55 19.01 -12.52 8.69
C ALA A 55 18.86 -11.35 9.65
N GLU A 56 19.98 -10.79 10.15
CA GLU A 56 19.84 -9.70 11.09
C GLU A 56 19.16 -8.49 10.46
N HIS A 57 19.46 -8.20 9.19
CA HIS A 57 18.78 -7.09 8.53
C HIS A 57 17.29 -7.35 8.41
N ARG A 58 16.91 -8.56 8.03
CA ARG A 58 15.49 -8.84 7.85
C ARG A 58 14.76 -8.82 9.19
N TYR A 59 15.40 -9.31 10.24
CA TYR A 59 14.82 -9.22 11.57
C TYR A 59 14.68 -7.78 12.03
N LEU A 60 15.72 -6.97 11.90
CA LEU A 60 15.59 -5.57 12.34
C LEU A 60 14.50 -4.83 11.57
N MET A 61 14.41 -5.03 10.25
CA MET A 61 13.37 -4.33 9.49
C MET A 61 11.99 -4.73 9.99
N THR A 62 11.84 -6.00 10.35
CA THR A 62 10.55 -6.49 10.84
C THR A 62 10.24 -5.91 12.22
N VAL A 63 11.25 -5.77 13.08
CA VAL A 63 11.04 -5.13 14.37
C VAL A 63 10.67 -3.65 14.19
N ILE A 64 11.42 -2.93 13.37
CA ILE A 64 11.11 -1.52 13.09
C ILE A 64 9.69 -1.40 12.57
N ALA A 65 9.28 -2.26 11.65
CA ALA A 65 7.98 -2.14 11.02
C ALA A 65 6.82 -2.40 11.98
N THR A 66 7.01 -3.32 12.94
CA THR A 66 5.92 -3.74 13.81
C THR A 66 5.94 -3.11 15.20
N ALA A 67 6.98 -2.33 15.53
CA ALA A 67 7.17 -1.91 16.90
C ALA A 67 5.95 -1.18 17.45
N SER A 68 5.37 -0.27 16.66
CA SER A 68 4.28 0.58 17.13
C SER A 68 2.97 -0.16 17.35
N ASN A 69 2.83 -1.39 16.87
CA ASN A 69 1.56 -2.11 17.00
C ASN A 69 1.59 -2.94 18.27
N PRO A 70 0.73 -2.68 19.25
CA PRO A 70 0.78 -3.46 20.48
C PRO A 70 0.48 -4.93 20.26
N ARG A 71 -0.19 -5.28 19.19
CA ARG A 71 -0.59 -6.67 18.97
C ARG A 71 0.37 -7.43 18.08
N PHE A 72 1.46 -6.80 17.64
CA PHE A 72 2.46 -7.43 16.78
C PHE A 72 3.75 -7.58 17.58
N SER A 73 4.51 -8.63 17.33
CA SER A 73 5.86 -8.78 17.88
C SER A 73 6.66 -9.64 16.91
N VAL A 74 7.97 -9.75 17.16
CA VAL A 74 8.86 -10.47 16.25
C VAL A 74 9.63 -11.54 17.02
N SER A 75 9.74 -12.72 16.42
CA SER A 75 10.45 -13.84 17.02
C SER A 75 11.68 -14.20 16.20
N ARG A 76 12.78 -14.49 16.89
CA ARG A 76 14.00 -14.95 16.25
C ARG A 76 14.10 -16.48 16.12
N VAL A 77 13.07 -17.25 16.43
CA VAL A 77 13.29 -18.69 16.58
C VAL A 77 13.78 -19.32 15.28
N ASP A 78 13.27 -18.89 14.13
CA ASP A 78 13.72 -19.52 12.88
C ASP A 78 15.11 -19.03 12.49
N ILE A 79 15.43 -17.75 12.67
CA ILE A 79 16.75 -17.36 12.20
C ILE A 79 17.82 -17.87 13.14
N ASP A 80 17.51 -18.08 14.42
CA ASP A 80 18.51 -18.62 15.34
C ASP A 80 18.68 -20.13 15.17
N ARG A 81 17.72 -20.80 14.54
CA ARG A 81 17.83 -22.24 14.37
C ARG A 81 18.86 -22.57 13.31
N GLY A 82 18.91 -21.77 12.25
CA GLY A 82 19.80 -22.01 11.14
C GLY A 82 19.26 -22.92 10.05
N GLY A 83 19.56 -22.56 8.79
CA GLY A 83 19.15 -23.33 7.65
C GLY A 83 17.75 -22.95 7.19
N PRO A 84 17.28 -23.58 6.11
CA PRO A 84 15.87 -23.43 5.73
C PRO A 84 14.97 -23.94 6.86
N THR A 85 13.82 -23.30 7.01
CA THR A 85 12.95 -23.53 8.16
C THR A 85 11.99 -24.68 7.91
N TYR A 86 11.93 -25.66 8.84
CA TYR A 86 10.75 -26.56 8.91
C TYR A 86 9.65 -25.89 9.74
N THR A 87 8.46 -25.75 9.17
CA THR A 87 7.39 -25.05 9.87
C THR A 87 6.98 -25.78 11.16
N LYS A 88 7.12 -27.10 11.21
CA LYS A 88 6.76 -27.77 12.45
C LYS A 88 7.69 -27.38 13.60
N ASP A 89 8.96 -27.03 13.31
CA ASP A 89 9.85 -26.51 14.33
C ASP A 89 9.39 -25.14 14.82
N THR A 90 9.04 -24.25 13.88
CA THR A 90 8.49 -22.95 14.27
C THR A 90 7.29 -23.11 15.19
N LEU A 91 6.36 -23.98 14.80
CA LEU A 91 5.15 -24.13 15.58
C LEU A 91 5.43 -24.78 16.93
N ALA A 92 6.36 -25.74 16.99
CA ALA A 92 6.73 -26.29 18.30
C ALA A 92 7.32 -25.21 19.20
N ASP A 93 8.18 -24.33 18.65
CA ASP A 93 8.79 -23.30 19.48
C ASP A 93 7.74 -22.32 20.00
N LEU A 94 6.82 -21.87 19.13
CA LEU A 94 5.82 -20.90 19.56
C LEU A 94 4.78 -21.52 20.48
N HIS A 95 4.47 -22.81 20.31
CA HIS A 95 3.57 -23.49 21.24
C HIS A 95 4.14 -23.48 22.66
N ALA A 96 5.43 -23.76 22.81
CA ALA A 96 6.06 -23.75 24.14
C ALA A 96 6.01 -22.36 24.77
N LEU A 97 6.10 -21.30 23.97
CA LEU A 97 6.02 -19.93 24.46
C LEU A 97 4.61 -19.42 24.67
N HIS A 98 3.59 -20.06 24.08
CA HIS A 98 2.20 -19.63 24.21
C HIS A 98 1.32 -20.86 24.27
N PRO A 99 1.43 -21.65 25.35
CA PRO A 99 0.91 -23.02 25.30
C PRO A 99 -0.58 -23.12 25.35
N ASP A 100 -1.28 -22.06 25.77
CA ASP A 100 -2.73 -22.11 25.80
C ASP A 100 -3.35 -21.40 24.60
N SER A 101 -2.57 -21.05 23.60
CA SER A 101 -3.08 -20.40 22.40
C SER A 101 -3.28 -21.41 21.26
N GLU A 102 -4.40 -21.28 20.55
CA GLU A 102 -4.57 -21.96 19.27
C GLU A 102 -3.77 -21.21 18.21
N LEU A 103 -2.94 -21.92 17.46
CA LEU A 103 -2.04 -21.28 16.49
C LEU A 103 -2.63 -21.23 15.07
N TYR A 104 -2.45 -20.09 14.43
CA TYR A 104 -2.87 -19.79 13.06
C TYR A 104 -1.62 -19.41 12.27
N PHE A 105 -1.16 -20.28 11.40
CA PHE A 105 0.04 -20.02 10.64
C PHE A 105 -0.33 -19.37 9.32
N THR A 106 0.27 -18.25 9.04
CA THR A 106 -0.03 -17.46 7.85
C THR A 106 1.25 -17.18 7.09
N THR A 107 1.23 -17.39 5.78
CA THR A 107 2.36 -17.02 4.94
C THR A 107 1.85 -16.80 3.53
N GLY A 108 2.72 -16.35 2.64
CA GLY A 108 2.33 -16.21 1.25
C GLY A 108 1.91 -17.53 0.62
N ALA A 109 0.93 -17.45 -0.28
CA ALA A 109 0.38 -18.67 -0.87
C ALA A 109 1.49 -19.48 -1.56
N ASP A 110 2.44 -18.79 -2.18
CA ASP A 110 3.56 -19.47 -2.84
C ASP A 110 4.46 -20.20 -1.84
N ALA A 111 4.82 -19.54 -0.74
CA ALA A 111 5.59 -20.21 0.30
C ALA A 111 4.81 -21.37 0.89
N LEU A 112 3.49 -21.21 0.99
CA LEU A 112 2.68 -22.28 1.57
C LEU A 112 2.63 -23.46 0.63
N ALA A 113 2.63 -23.21 -0.69
CA ALA A 113 2.68 -24.29 -1.66
C ALA A 113 3.98 -25.07 -1.53
N SER A 114 5.09 -24.37 -1.27
CA SER A 114 6.35 -25.08 -1.07
C SER A 114 6.31 -25.91 0.20
N ILE A 115 5.71 -25.38 1.25
CA ILE A 115 5.58 -26.14 2.49
C ILE A 115 4.80 -27.41 2.25
N MET A 116 3.67 -27.30 1.53
CA MET A 116 2.84 -28.48 1.29
C MET A 116 3.57 -29.53 0.48
N SER A 117 4.46 -29.09 -0.41
CA SER A 117 5.15 -30.01 -1.31
C SER A 117 6.36 -30.71 -0.69
N TRP A 118 7.12 -30.04 0.17
CA TRP A 118 8.39 -30.58 0.64
C TRP A 118 8.41 -30.98 2.11
N GLN A 119 7.40 -30.60 2.89
CA GLN A 119 7.30 -30.86 4.31
C GLN A 119 6.11 -31.78 4.56
N GLY A 120 6.03 -32.33 5.77
CA GLY A 120 4.97 -33.29 6.04
C GLY A 120 3.68 -32.58 6.40
N TRP A 121 2.78 -32.36 5.42
CA TRP A 121 1.61 -31.52 5.73
C TRP A 121 0.65 -32.20 6.71
N GLU A 122 0.58 -33.53 6.73
CA GLU A 122 -0.34 -34.21 7.65
C GLU A 122 0.00 -33.87 9.10
N GLU A 123 1.26 -34.06 9.48
CA GLU A 123 1.71 -33.65 10.81
C GLU A 123 1.45 -32.16 11.04
N LEU A 124 1.62 -31.33 10.02
CA LEU A 124 1.47 -29.89 10.20
C LEU A 124 0.03 -29.49 10.56
N PHE A 125 -0.96 -30.11 9.92
CA PHE A 125 -2.35 -29.70 10.18
C PHE A 125 -2.81 -30.06 11.59
N GLU A 126 -2.12 -30.97 12.27
CA GLU A 126 -2.45 -31.19 13.68
C GLU A 126 -1.99 -30.03 14.56
N LEU A 127 -1.06 -29.20 14.07
CA LEU A 127 -0.37 -28.24 14.93
C LEU A 127 -0.96 -26.84 14.86
N ALA A 128 -1.66 -26.52 13.77
CA ALA A 128 -2.11 -25.15 13.56
C ALA A 128 -3.15 -25.14 12.45
N ARG A 129 -3.88 -24.02 12.38
CA ARG A 129 -4.73 -23.69 11.24
C ARG A 129 -3.88 -22.90 10.24
N PHE A 130 -3.95 -23.25 8.97
CA PHE A 130 -3.10 -22.62 7.97
C PHE A 130 -3.91 -21.66 7.12
N VAL A 131 -3.34 -20.47 6.91
CA VAL A 131 -3.97 -19.41 6.13
C VAL A 131 -2.91 -18.91 5.15
N GLY A 132 -3.19 -19.01 3.85
CA GLY A 132 -2.33 -18.41 2.83
C GLY A 132 -2.89 -17.05 2.43
N VAL A 133 -2.00 -16.09 2.19
CA VAL A 133 -2.43 -14.78 1.70
C VAL A 133 -1.84 -14.52 0.33
N SER A 134 -2.62 -13.90 -0.55
CA SER A 134 -2.13 -13.61 -1.89
C SER A 134 -2.73 -12.30 -2.38
N ARG A 135 -2.06 -11.69 -3.38
CA ARG A 135 -2.67 -10.56 -4.05
C ARG A 135 -3.74 -11.09 -4.99
N PRO A 136 -4.80 -10.31 -5.22
CA PRO A 136 -5.83 -10.75 -6.17
C PRO A 136 -5.21 -11.03 -7.54
N GLY A 137 -5.50 -12.22 -8.07
CA GLY A 137 -4.82 -12.69 -9.27
C GLY A 137 -3.40 -13.17 -9.01
N THR A 146 -0.27 -26.22 -7.35
CA THR A 146 -1.53 -26.83 -7.75
C THR A 146 -1.90 -27.99 -6.81
N SER A 147 -0.88 -28.63 -6.22
CA SER A 147 -1.14 -29.63 -5.18
C SER A 147 -1.90 -29.01 -4.01
N LEU A 148 -1.67 -27.73 -3.76
CA LEU A 148 -2.44 -26.97 -2.78
C LEU A 148 -3.94 -27.07 -2.99
N LEU A 149 -4.40 -27.34 -4.22
CA LEU A 149 -5.84 -27.45 -4.47
C LEU A 149 -6.46 -28.63 -3.73
N GLY A 150 -5.74 -29.76 -3.68
CA GLY A 150 -6.27 -30.93 -3.01
C GLY A 150 -6.55 -30.66 -1.55
N GLN A 151 -5.68 -29.90 -0.89
CA GLN A 151 -5.89 -29.59 0.51
C GLN A 151 -7.00 -28.55 0.68
N LEU A 152 -7.05 -27.54 -0.19
CA LEU A 152 -8.16 -26.59 -0.16
C LEU A 152 -9.49 -27.29 -0.38
N ALA A 153 -9.53 -28.29 -1.26
CA ALA A 153 -10.80 -28.97 -1.53
C ALA A 153 -11.35 -29.58 -0.25
N LYS A 154 -10.46 -30.03 0.64
CA LYS A 154 -10.86 -30.65 1.90
C LYS A 154 -11.00 -29.64 3.03
N ASP A 155 -10.84 -28.36 2.74
CA ASP A 155 -10.83 -27.31 3.76
C ASP A 155 -9.76 -27.57 4.81
N ALA A 156 -8.59 -28.05 4.37
CA ALA A 156 -7.44 -28.23 5.25
C ALA A 156 -6.66 -26.94 5.44
N LEU A 157 -7.08 -25.86 4.77
CA LEU A 157 -6.44 -24.56 4.83
C LEU A 157 -7.38 -23.58 4.12
N THR A 158 -7.04 -22.32 4.19
CA THR A 158 -7.84 -21.25 3.61
C THR A 158 -6.93 -20.23 2.97
N LEU A 159 -7.34 -19.72 1.82
CA LEU A 159 -6.62 -18.65 1.14
C LEU A 159 -7.42 -17.36 1.22
N VAL A 160 -6.73 -16.28 1.56
CA VAL A 160 -7.29 -14.95 1.74
C VAL A 160 -6.61 -14.00 0.76
N GLU A 161 -7.41 -13.27 0.01
CA GLU A 161 -6.90 -12.27 -0.92
C GLU A 161 -6.76 -10.92 -0.24
N ILE A 162 -5.62 -10.26 -0.46
CA ILE A 162 -5.29 -9.00 0.18
C ILE A 162 -4.92 -8.01 -0.91
N PRO A 163 -5.75 -7.02 -1.25
CA PRO A 163 -5.37 -6.08 -2.32
C PRO A 163 -4.01 -5.41 -2.15
N ALA A 164 -3.65 -5.00 -0.92
CA ALA A 164 -2.39 -4.31 -0.69
C ALA A 164 -1.18 -5.19 -0.98
N LEU A 165 -1.37 -6.51 -1.13
CA LEU A 165 -0.22 -7.34 -1.52
C LEU A 165 0.14 -7.12 -2.99
N ALA A 166 -0.54 -6.19 -3.68
CA ALA A 166 0.00 -5.72 -4.96
C ALA A 166 1.35 -5.10 -4.74
N ILE A 167 1.59 -4.55 -3.54
CA ILE A 167 2.93 -4.14 -3.14
C ILE A 167 3.77 -5.39 -2.88
N SER A 168 4.94 -5.46 -3.50
CA SER A 168 5.77 -6.66 -3.38
C SER A 168 7.21 -6.31 -3.01
N SER A 169 7.85 -7.27 -2.31
CA SER A 169 9.25 -7.12 -1.95
C SER A 169 10.13 -7.06 -3.21
N THR A 170 9.80 -7.84 -4.24
CA THR A 170 10.57 -7.78 -5.46
C THR A 170 10.58 -6.37 -6.03
N ASP A 171 9.42 -5.72 -6.08
CA ASP A 171 9.37 -4.36 -6.60
C ASP A 171 10.13 -3.41 -5.69
N CYS A 172 10.05 -3.62 -4.37
CA CYS A 172 10.75 -2.73 -3.46
C CYS A 172 12.26 -2.82 -3.66
N ARG A 173 12.78 -4.04 -3.86
CA ARG A 173 14.22 -4.20 -4.06
C ARG A 173 14.67 -3.58 -5.39
N GLN A 174 13.86 -3.75 -6.44
CA GLN A 174 14.20 -3.15 -7.73
C GLN A 174 14.22 -1.63 -7.64
N ARG A 175 13.25 -1.04 -6.91
CA ARG A 175 13.23 0.41 -6.73
C ARG A 175 14.46 0.89 -5.97
N ALA A 176 14.86 0.18 -4.91
CA ALA A 176 16.09 0.54 -4.21
C ALA A 176 17.30 0.46 -5.12
N GLU A 177 17.40 -0.61 -5.90
CA GLU A 177 18.51 -0.79 -6.84
C GLU A 177 18.60 0.37 -7.83
N GLN A 178 17.46 0.91 -8.24
CA GLN A 178 17.39 1.98 -9.20
C GLN A 178 17.29 3.35 -8.56
N SER A 179 17.49 3.43 -7.25
CA SER A 179 17.42 4.69 -6.52
C SER A 179 16.09 5.41 -6.75
N ARG A 180 15.02 4.65 -6.80
CA ARG A 180 13.66 5.19 -6.82
C ARG A 180 13.05 5.15 -5.43
N PRO A 181 12.18 6.11 -5.12
CA PRO A 181 11.74 6.29 -3.72
C PRO A 181 10.87 5.14 -3.25
N LEU A 182 11.08 4.75 -1.99
CA LEU A 182 10.29 3.71 -1.35
C LEU A 182 9.27 4.28 -0.38
N TRP A 183 9.17 5.60 -0.26
CA TRP A 183 8.25 6.23 0.67
C TRP A 183 6.82 5.74 0.40
N TYR A 184 6.11 5.44 1.48
CA TYR A 184 4.70 5.09 1.53
C TYR A 184 4.42 3.68 1.04
N LEU A 185 5.44 2.94 0.63
CA LEU A 185 5.26 1.51 0.39
C LEU A 185 5.52 0.69 1.64
N MET A 186 6.17 1.29 2.62
CA MET A 186 6.62 0.64 3.84
C MET A 186 6.85 1.74 4.88
N PRO A 187 6.90 1.39 6.15
CA PRO A 187 7.09 2.44 7.17
C PRO A 187 8.38 3.22 6.96
N ASP A 188 8.38 4.48 7.40
CA ASP A 188 9.54 5.37 7.19
C ASP A 188 10.83 4.77 7.73
N GLY A 189 10.77 4.17 8.94
CA GLY A 189 11.94 3.55 9.52
C GLY A 189 12.52 2.45 8.67
N VAL A 190 11.66 1.70 7.97
CA VAL A 190 12.20 0.66 7.10
C VAL A 190 12.82 1.28 5.86
N VAL A 191 12.17 2.30 5.29
CA VAL A 191 12.73 3.01 4.13
C VAL A 191 14.13 3.48 4.47
N GLN A 192 14.29 4.10 5.63
CA GLN A 192 15.58 4.69 5.98
C GLN A 192 16.59 3.63 6.37
N TYR A 193 16.15 2.54 7.02
CA TYR A 193 17.07 1.44 7.29
C TYR A 193 17.58 0.83 5.99
N VAL A 194 16.71 0.61 5.02
CA VAL A 194 17.15 0.09 3.72
C VAL A 194 18.16 1.04 3.09
N SER A 195 17.91 2.34 3.18
CA SER A 195 18.80 3.31 2.54
C SER A 195 20.14 3.37 3.27
N LYS A 196 20.13 3.54 4.60
CA LYS A 196 21.40 3.79 5.25
C LYS A 196 22.22 2.53 5.46
N ARG A 197 21.61 1.35 5.37
CA ARG A 197 22.40 0.13 5.30
C ARG A 197 22.69 -0.32 3.86
N ARG A 198 22.20 0.39 2.84
CA ARG A 198 22.53 0.09 1.44
C ARG A 198 22.12 -1.33 1.05
N LEU A 199 20.94 -1.78 1.48
CA LEU A 199 20.64 -3.20 1.42
C LEU A 199 20.55 -3.74 0.00
N TYR A 200 19.97 -3.01 -0.94
CA TYR A 200 19.72 -3.65 -2.24
C TYR A 200 20.50 -2.99 -3.36
N THR A 201 21.59 -2.33 -3.04
CA THR A 201 22.38 -1.62 -4.04
C THR A 201 22.96 -2.54 -5.09
N ARG B 5 11.47 24.81 -13.44
CA ARG B 5 10.85 24.33 -12.23
C ARG B 5 9.53 23.64 -12.60
N ARG B 6 9.29 22.50 -11.97
CA ARG B 6 8.16 21.64 -12.29
C ARG B 6 7.37 21.37 -11.03
N LEU B 7 6.06 21.55 -11.12
CA LEU B 7 5.17 21.40 -9.97
C LEU B 7 4.08 20.38 -10.29
N GLY B 8 4.00 19.35 -9.47
CA GLY B 8 2.89 18.43 -9.58
C GLY B 8 1.64 18.98 -8.90
N VAL B 9 0.49 18.66 -9.47
CA VAL B 9 -0.80 19.09 -8.92
C VAL B 9 -1.62 17.82 -8.82
N MET B 10 -1.83 17.34 -7.61
CA MET B 10 -2.56 16.09 -7.38
C MET B 10 -3.99 16.43 -7.03
N GLY B 11 -4.90 16.23 -7.98
CA GLY B 11 -6.29 16.53 -7.76
C GLY B 11 -7.04 15.29 -7.30
N GLY B 12 -7.99 15.48 -6.40
CA GLY B 12 -8.90 14.40 -6.03
C GLY B 12 -9.84 14.88 -4.96
N THR B 13 -10.78 14.00 -4.59
CA THR B 13 -11.62 14.29 -3.43
C THR B 13 -10.96 13.89 -2.12
N PHE B 14 -10.05 12.91 -2.12
CA PHE B 14 -9.31 12.47 -0.94
C PHE B 14 -10.24 12.14 0.21
N ASP B 15 -11.07 11.12 -0.01
CA ASP B 15 -12.20 10.84 0.88
C ASP B 15 -12.31 9.35 1.19
N PRO B 16 -11.31 8.76 1.86
CA PRO B 16 -10.12 9.41 2.45
C PRO B 16 -8.90 9.28 1.54
N ILE B 17 -7.89 10.11 1.81
CA ILE B 17 -6.56 9.87 1.26
C ILE B 17 -5.97 8.62 1.90
N HIS B 18 -5.14 7.91 1.14
CA HIS B 18 -4.54 6.67 1.61
C HIS B 18 -3.16 6.53 0.99
N TYR B 19 -2.49 5.42 1.32
CA TYR B 19 -1.11 5.26 0.85
C TYR B 19 -1.04 5.12 -0.66
N GLY B 20 -2.09 4.62 -1.32
CA GLY B 20 -2.06 4.59 -2.77
C GLY B 20 -1.85 5.98 -3.38
N HIS B 21 -2.56 6.98 -2.85
CA HIS B 21 -2.39 8.33 -3.36
C HIS B 21 -0.98 8.84 -3.08
N LEU B 22 -0.44 8.53 -1.91
CA LEU B 22 0.85 9.07 -1.53
C LEU B 22 1.96 8.42 -2.34
N VAL B 23 1.87 7.11 -2.54
CA VAL B 23 2.80 6.42 -3.44
C VAL B 23 2.71 6.99 -4.84
N ALA B 24 1.48 7.18 -5.34
CA ALA B 24 1.30 7.72 -6.68
C ALA B 24 2.02 9.07 -6.84
N ALA B 25 1.80 9.99 -5.91
CA ALA B 25 2.42 11.32 -6.00
C ALA B 25 3.94 11.21 -5.90
N SER B 26 4.43 10.34 -5.03
CA SER B 26 5.87 10.18 -4.88
C SER B 26 6.50 9.60 -6.15
N GLU B 27 5.83 8.64 -6.80
CA GLU B 27 6.39 8.02 -7.99
C GLU B 27 6.32 8.96 -9.19
N VAL B 28 5.21 9.71 -9.32
CA VAL B 28 5.11 10.68 -10.41
C VAL B 28 6.14 11.79 -10.23
N ALA B 29 6.35 12.26 -9.00
CA ALA B 29 7.40 13.25 -8.76
C ALA B 29 8.76 12.73 -9.19
N ASP B 30 9.03 11.45 -8.94
CA ASP B 30 10.32 10.88 -9.31
C ASP B 30 10.44 10.75 -10.83
N LEU B 31 9.39 10.25 -11.49
CA LEU B 31 9.43 9.99 -12.92
C LEU B 31 9.59 11.26 -13.74
N PHE B 32 8.99 12.36 -13.30
CA PHE B 32 9.00 13.61 -14.05
C PHE B 32 9.88 14.68 -13.41
N ASP B 33 10.66 14.33 -12.40
CA ASP B 33 11.60 15.27 -11.78
C ASP B 33 10.86 16.51 -11.29
N LEU B 34 9.73 16.30 -10.64
CA LEU B 34 8.98 17.40 -10.06
C LEU B 34 9.70 17.89 -8.82
N ASP B 35 9.68 19.21 -8.62
CA ASP B 35 10.30 19.82 -7.45
C ASP B 35 9.39 19.78 -6.24
N GLU B 36 8.08 19.70 -6.45
CA GLU B 36 7.11 19.71 -5.37
C GLU B 36 5.83 19.11 -5.93
N VAL B 37 5.00 18.54 -5.06
CA VAL B 37 3.63 18.15 -5.41
C VAL B 37 2.66 18.88 -4.49
N VAL B 38 1.69 19.54 -5.08
CA VAL B 38 0.65 20.22 -4.33
C VAL B 38 -0.62 19.39 -4.41
N PHE B 39 -1.13 18.94 -3.27
CA PHE B 39 -2.39 18.22 -3.23
C PHE B 39 -3.52 19.22 -3.20
N VAL B 40 -4.52 19.03 -4.06
CA VAL B 40 -5.64 19.96 -4.12
C VAL B 40 -6.95 19.21 -3.91
N PRO B 41 -7.43 19.10 -2.66
CA PRO B 41 -8.75 18.48 -2.43
C PRO B 41 -9.86 19.25 -3.12
N SER B 42 -10.77 18.49 -3.73
CA SER B 42 -11.87 19.10 -4.46
C SER B 42 -12.82 19.83 -3.52
N GLY B 43 -13.45 20.88 -4.04
CA GLY B 43 -14.41 21.64 -3.28
C GLY B 43 -15.79 21.03 -3.29
N GLN B 44 -16.30 20.76 -4.47
CA GLN B 44 -17.60 20.13 -4.67
C GLN B 44 -17.59 19.59 -6.10
N PRO B 45 -17.56 18.27 -6.28
CA PRO B 45 -17.47 17.72 -7.64
C PRO B 45 -18.69 18.07 -8.48
N TRP B 46 -18.46 18.33 -9.79
CA TRP B 46 -19.56 18.32 -10.74
C TRP B 46 -19.91 16.90 -11.18
N GLN B 47 -18.97 15.96 -11.05
CA GLN B 47 -19.17 14.59 -11.47
C GLN B 47 -20.28 13.93 -10.66
N LYS B 48 -21.17 13.21 -11.34
CA LYS B 48 -22.26 12.56 -10.65
C LYS B 48 -21.74 11.40 -9.80
N GLY B 49 -22.25 11.31 -8.59
CA GLY B 49 -21.86 10.21 -7.73
C GLY B 49 -22.18 10.54 -6.28
N ARG B 50 -21.45 9.86 -5.41
CA ARG B 50 -21.74 9.95 -3.98
C ARG B 50 -21.49 11.36 -3.48
N GLN B 51 -22.26 11.74 -2.48
CA GLN B 51 -21.97 12.93 -1.70
C GLN B 51 -20.66 12.76 -0.97
N VAL B 52 -19.74 13.70 -1.14
CA VAL B 52 -18.44 13.59 -0.49
C VAL B 52 -18.53 14.13 0.93
N SER B 53 -17.56 13.73 1.76
CA SER B 53 -17.47 14.26 3.11
C SER B 53 -17.27 15.78 3.06
N ALA B 54 -17.59 16.44 4.18
CA ALA B 54 -17.37 17.88 4.30
C ALA B 54 -15.96 18.24 3.90
N ALA B 55 -15.83 19.38 3.19
CA ALA B 55 -14.55 19.75 2.60
C ALA B 55 -13.46 19.91 3.66
N GLU B 56 -13.81 20.46 4.83
CA GLU B 56 -12.75 20.64 5.80
C GLU B 56 -12.22 19.32 6.34
N HIS B 57 -13.06 18.28 6.40
CA HIS B 57 -12.53 16.99 6.79
C HIS B 57 -11.54 16.47 5.76
N ARG B 58 -11.86 16.59 4.47
CA ARG B 58 -10.99 16.05 3.44
C ARG B 58 -9.69 16.84 3.36
N TYR B 59 -9.79 18.15 3.57
CA TYR B 59 -8.60 18.99 3.65
C TYR B 59 -7.69 18.59 4.81
N LEU B 60 -8.25 18.48 6.01
CA LEU B 60 -7.42 18.13 7.17
C LEU B 60 -6.80 16.75 7.04
N MET B 61 -7.54 15.75 6.52
CA MET B 61 -6.92 14.44 6.32
C MET B 61 -5.74 14.55 5.36
N THR B 62 -5.85 15.41 4.35
CA THR B 62 -4.78 15.56 3.37
C THR B 62 -3.57 16.28 3.96
N VAL B 63 -3.81 17.28 4.82
CA VAL B 63 -2.70 17.93 5.54
C VAL B 63 -2.00 16.94 6.47
N ILE B 64 -2.78 16.16 7.24
CA ILE B 64 -2.20 15.17 8.16
C ILE B 64 -1.32 14.19 7.40
N ALA B 65 -1.84 13.71 6.24
CA ALA B 65 -1.16 12.69 5.46
C ALA B 65 0.14 13.19 4.84
N THR B 66 0.18 14.47 4.46
CA THR B 66 1.30 15.01 3.70
C THR B 66 2.27 15.83 4.54
N ALA B 67 1.96 16.08 5.81
CA ALA B 67 2.73 17.05 6.59
C ALA B 67 4.21 16.67 6.62
N SER B 68 4.52 15.39 6.83
CA SER B 68 5.89 14.98 7.08
C SER B 68 6.75 15.04 5.83
N ASN B 69 6.18 15.18 4.65
CA ASN B 69 6.95 15.15 3.41
C ASN B 69 7.34 16.58 3.03
N PRO B 70 8.63 16.92 3.02
CA PRO B 70 9.00 18.31 2.71
C PRO B 70 8.66 18.73 1.31
N ARG B 71 8.40 17.81 0.39
CA ARG B 71 8.10 18.14 -1.00
C ARG B 71 6.61 18.08 -1.34
N PHE B 72 5.75 17.85 -0.35
CA PHE B 72 4.30 17.84 -0.54
C PHE B 72 3.70 19.04 0.19
N SER B 73 2.63 19.60 -0.35
CA SER B 73 1.85 20.63 0.33
C SER B 73 0.39 20.48 -0.09
N VAL B 74 -0.48 21.25 0.57
CA VAL B 74 -1.92 21.15 0.33
C VAL B 74 -2.44 22.55 0.03
N SER B 75 -3.25 22.67 -1.03
CA SER B 75 -3.81 23.94 -1.45
C SER B 75 -5.32 23.96 -1.25
N ARG B 76 -5.84 25.10 -0.79
CA ARG B 76 -7.27 25.29 -0.65
C ARG B 76 -7.95 25.92 -1.87
N VAL B 77 -7.28 26.06 -3.02
CA VAL B 77 -7.88 26.86 -4.09
C VAL B 77 -9.26 26.32 -4.49
N ASP B 78 -9.43 25.00 -4.51
CA ASP B 78 -10.73 24.47 -4.95
C ASP B 78 -11.79 24.60 -3.86
N ILE B 79 -11.42 24.36 -2.61
CA ILE B 79 -12.38 24.45 -1.50
C ILE B 79 -12.88 25.86 -1.32
N ASP B 80 -12.01 26.84 -1.52
CA ASP B 80 -12.36 28.25 -1.28
C ASP B 80 -12.94 28.94 -2.52
N ARG B 81 -12.95 28.28 -3.68
CA ARG B 81 -13.36 28.97 -4.90
C ARG B 81 -14.86 29.26 -4.90
N GLY B 82 -15.67 28.31 -4.48
CA GLY B 82 -17.10 28.53 -4.61
C GLY B 82 -17.68 27.89 -5.86
N GLY B 83 -18.72 27.09 -5.65
CA GLY B 83 -19.33 26.38 -6.75
C GLY B 83 -18.54 25.14 -7.09
N PRO B 84 -18.92 24.46 -8.17
CA PRO B 84 -18.28 23.18 -8.50
C PRO B 84 -16.83 23.35 -8.93
N THR B 85 -16.06 22.28 -8.72
CA THR B 85 -14.63 22.27 -9.01
C THR B 85 -14.37 21.84 -10.44
N TYR B 86 -13.73 22.70 -11.21
CA TYR B 86 -13.30 22.38 -12.57
C TYR B 86 -11.79 22.45 -12.67
N THR B 87 -11.21 21.45 -13.37
CA THR B 87 -9.76 21.35 -13.48
C THR B 87 -9.16 22.63 -14.06
N LYS B 88 -9.83 23.24 -15.04
CA LYS B 88 -9.26 24.43 -15.65
C LYS B 88 -9.19 25.61 -14.69
N ASP B 89 -10.11 25.70 -13.73
CA ASP B 89 -10.01 26.74 -12.70
C ASP B 89 -8.85 26.45 -11.75
N THR B 90 -8.70 25.18 -11.33
CA THR B 90 -7.59 24.78 -10.47
C THR B 90 -6.25 25.18 -11.10
N LEU B 91 -6.05 24.85 -12.38
CA LEU B 91 -4.77 25.10 -13.02
C LEU B 91 -4.54 26.59 -13.23
N ALA B 92 -5.60 27.34 -13.58
CA ALA B 92 -5.48 28.79 -13.68
C ALA B 92 -5.04 29.39 -12.35
N ASP B 93 -5.68 28.96 -11.26
CA ASP B 93 -5.33 29.48 -9.95
C ASP B 93 -3.87 29.17 -9.60
N LEU B 94 -3.44 27.93 -9.84
CA LEU B 94 -2.08 27.54 -9.46
C LEU B 94 -1.06 28.15 -10.40
N HIS B 95 -1.41 28.36 -11.66
CA HIS B 95 -0.50 29.04 -12.58
C HIS B 95 -0.24 30.46 -12.12
N ALA B 96 -1.28 31.15 -11.64
CA ALA B 96 -1.11 32.49 -11.09
C ALA B 96 -0.23 32.48 -9.85
N LEU B 97 -0.38 31.48 -8.99
CA LEU B 97 0.40 31.42 -7.75
C LEU B 97 1.84 30.99 -7.99
N HIS B 98 2.10 30.24 -9.06
CA HIS B 98 3.42 29.67 -9.35
C HIS B 98 3.79 29.97 -10.81
N PRO B 99 3.98 31.25 -11.14
CA PRO B 99 4.02 31.65 -12.56
C PRO B 99 5.15 31.05 -13.38
N ASP B 100 6.24 30.58 -12.77
CA ASP B 100 7.37 30.08 -13.52
C ASP B 100 7.48 28.56 -13.50
N SER B 101 6.44 27.87 -13.06
CA SER B 101 6.48 26.42 -12.94
C SER B 101 5.69 25.81 -14.08
N GLU B 102 6.25 24.76 -14.69
CA GLU B 102 5.43 23.87 -15.52
C GLU B 102 4.58 23.00 -14.61
N LEU B 103 3.29 22.92 -14.90
CA LEU B 103 2.36 22.17 -14.07
C LEU B 103 2.15 20.77 -14.64
N TYR B 104 2.17 19.78 -13.74
CA TYR B 104 1.86 18.38 -14.08
C TYR B 104 0.62 17.96 -13.29
N PHE B 105 -0.54 17.96 -13.95
CA PHE B 105 -1.78 17.62 -13.27
C PHE B 105 -1.92 16.10 -13.23
N THR B 106 -2.12 15.56 -12.04
CA THR B 106 -2.13 14.11 -11.83
C THR B 106 -3.42 13.73 -11.12
N THR B 107 -4.12 12.73 -11.64
CA THR B 107 -5.27 12.18 -10.92
C THR B 107 -5.48 10.75 -11.41
N GLY B 108 -6.46 10.07 -10.81
CA GLY B 108 -6.77 8.72 -11.25
C GLY B 108 -7.13 8.72 -12.73
N ALA B 109 -6.70 7.67 -13.44
CA ALA B 109 -6.89 7.63 -14.88
C ALA B 109 -8.36 7.67 -15.26
N ASP B 110 -9.19 6.91 -14.54
CA ASP B 110 -10.63 6.90 -14.78
C ASP B 110 -11.22 8.30 -14.61
N ALA B 111 -10.89 8.96 -13.50
CA ALA B 111 -11.35 10.32 -13.26
C ALA B 111 -10.92 11.25 -14.38
N LEU B 112 -9.69 11.10 -14.86
CA LEU B 112 -9.17 11.94 -15.93
C LEU B 112 -9.90 11.69 -17.23
N ALA B 113 -10.24 10.44 -17.52
CA ALA B 113 -11.04 10.17 -18.71
C ALA B 113 -12.38 10.91 -18.64
N SER B 114 -13.01 10.94 -17.46
CA SER B 114 -14.31 11.60 -17.36
C SER B 114 -14.18 13.10 -17.57
N ILE B 115 -13.13 13.70 -17.01
CA ILE B 115 -12.86 15.12 -17.23
C ILE B 115 -12.74 15.43 -18.71
N MET B 116 -11.97 14.62 -19.43
CA MET B 116 -11.74 14.89 -20.84
C MET B 116 -13.03 14.72 -21.65
N SER B 117 -13.81 13.70 -21.33
CA SER B 117 -15.03 13.49 -22.09
C SER B 117 -16.02 14.63 -21.87
N TRP B 118 -16.16 15.07 -20.61
CA TRP B 118 -17.20 16.02 -20.23
C TRP B 118 -16.74 17.45 -20.48
N GLN B 119 -15.49 17.74 -20.17
CA GLN B 119 -15.03 19.13 -20.20
C GLN B 119 -14.19 19.47 -21.41
N GLY B 120 -13.66 18.48 -22.12
CA GLY B 120 -12.75 18.74 -23.21
C GLY B 120 -11.38 19.07 -22.63
N TRP B 121 -10.39 19.26 -23.52
CA TRP B 121 -9.03 19.38 -23.00
C TRP B 121 -8.07 20.20 -23.84
N GLU B 122 -8.49 20.84 -24.93
CA GLU B 122 -7.53 21.66 -25.67
C GLU B 122 -7.04 22.82 -24.81
N GLU B 123 -7.94 23.43 -24.04
CA GLU B 123 -7.54 24.47 -23.09
C GLU B 123 -6.75 23.88 -21.91
N LEU B 124 -7.10 22.67 -21.47
CA LEU B 124 -6.37 22.04 -20.38
C LEU B 124 -4.93 21.73 -20.77
N PHE B 125 -4.74 21.18 -21.98
CA PHE B 125 -3.40 20.83 -22.41
C PHE B 125 -2.52 22.06 -22.63
N GLU B 126 -3.11 23.23 -22.86
CA GLU B 126 -2.27 24.44 -22.89
C GLU B 126 -1.83 24.87 -21.50
N LEU B 127 -2.48 24.39 -20.45
CA LEU B 127 -2.16 24.83 -19.10
C LEU B 127 -1.19 23.90 -18.38
N ALA B 128 -1.18 22.62 -18.72
CA ALA B 128 -0.42 21.65 -17.95
C ALA B 128 -0.17 20.39 -18.76
N ARG B 129 0.86 19.65 -18.35
CA ARG B 129 0.97 18.25 -18.72
C ARG B 129 0.09 17.41 -17.80
N PHE B 130 -0.43 16.30 -18.32
CA PHE B 130 -1.36 15.46 -17.56
C PHE B 130 -0.82 14.07 -17.34
N VAL B 131 -1.08 13.53 -16.17
CA VAL B 131 -0.65 12.18 -15.79
C VAL B 131 -1.85 11.48 -15.16
N GLY B 132 -2.31 10.39 -15.77
CA GLY B 132 -3.33 9.54 -15.18
C GLY B 132 -2.65 8.36 -14.49
N VAL B 133 -3.00 8.15 -13.23
CA VAL B 133 -2.43 7.04 -12.46
C VAL B 133 -3.48 5.94 -12.35
N SER B 134 -3.07 4.72 -12.65
CA SER B 134 -4.02 3.63 -12.67
C SER B 134 -3.58 2.48 -11.78
N ARG B 135 -4.59 1.75 -11.31
CA ARG B 135 -4.42 0.53 -10.54
C ARG B 135 -3.83 -0.56 -11.43
N PRO B 136 -3.12 -1.51 -10.84
CA PRO B 136 -2.47 -2.55 -11.66
C PRO B 136 -3.52 -3.32 -12.45
N GLY B 137 -3.36 -3.31 -13.78
CA GLY B 137 -4.33 -3.89 -14.69
C GLY B 137 -4.44 -3.21 -16.04
N HIS B 144 -4.85 -0.52 -28.39
CA HIS B 144 -5.80 0.45 -28.94
C HIS B 144 -5.76 1.78 -28.19
N ILE B 145 -5.52 1.73 -26.87
CA ILE B 145 -5.44 2.98 -26.11
C ILE B 145 -4.14 3.71 -26.42
N THR B 146 -3.09 2.98 -26.79
CA THR B 146 -1.85 3.61 -27.21
C THR B 146 -2.05 4.42 -28.48
N SER B 147 -2.70 3.82 -29.49
CA SER B 147 -3.04 4.59 -30.69
C SER B 147 -3.77 5.87 -30.32
N LEU B 148 -4.76 5.76 -29.43
CA LEU B 148 -5.46 6.94 -28.93
C LEU B 148 -4.49 7.93 -28.29
N LEU B 149 -3.54 7.43 -27.50
CA LEU B 149 -2.56 8.31 -26.87
C LEU B 149 -1.63 8.95 -27.89
N GLY B 150 -1.37 8.28 -29.02
CA GLY B 150 -0.61 8.90 -30.08
C GLY B 150 -1.35 9.97 -30.82
N GLN B 151 -2.69 9.93 -30.78
CA GLN B 151 -3.50 10.99 -31.38
C GLN B 151 -3.38 12.31 -30.61
N LEU B 152 -2.99 12.26 -29.34
CA LEU B 152 -2.94 13.44 -28.49
C LEU B 152 -1.61 14.18 -28.64
N ALA B 153 -1.65 15.48 -28.35
CA ALA B 153 -0.45 16.32 -28.42
C ALA B 153 0.74 15.65 -27.73
N LYS B 154 1.92 15.79 -28.33
CA LYS B 154 3.12 15.14 -27.83
C LYS B 154 3.36 15.49 -26.37
N ASP B 155 3.67 14.47 -25.57
CA ASP B 155 4.00 14.60 -24.15
C ASP B 155 2.86 15.20 -23.33
N ALA B 156 1.68 15.37 -23.92
CA ALA B 156 0.59 16.04 -23.23
C ALA B 156 -0.02 15.17 -22.13
N LEU B 157 -0.07 13.84 -22.34
CA LEU B 157 -0.75 12.92 -21.43
C LEU B 157 0.04 11.62 -21.31
N THR B 158 0.34 11.21 -20.08
CA THR B 158 1.01 9.97 -19.77
C THR B 158 0.16 9.16 -18.80
N LEU B 159 0.11 7.84 -19.01
CA LEU B 159 -0.55 6.93 -18.09
C LEU B 159 0.50 6.13 -17.34
N VAL B 160 0.34 6.04 -16.02
CA VAL B 160 1.33 5.45 -15.13
C VAL B 160 0.61 4.44 -14.25
N GLU B 161 1.11 3.21 -14.21
CA GLU B 161 0.54 2.15 -13.37
C GLU B 161 1.21 2.17 -12.00
N ILE B 162 0.38 2.25 -10.96
CA ILE B 162 0.85 2.30 -9.57
C ILE B 162 0.31 1.09 -8.81
N PRO B 163 1.11 0.07 -8.49
CA PRO B 163 0.57 -1.12 -7.79
C PRO B 163 -0.18 -0.76 -6.52
N ALA B 164 0.32 0.20 -5.75
CA ALA B 164 -0.29 0.56 -4.48
C ALA B 164 -1.70 1.13 -4.64
N LEU B 165 -2.10 1.53 -5.85
CA LEU B 165 -3.48 1.96 -6.07
C LEU B 165 -4.43 0.80 -6.08
N ALA B 166 -3.97 -0.43 -5.81
CA ALA B 166 -4.91 -1.48 -5.43
C ALA B 166 -5.67 -1.06 -4.18
N ILE B 167 -5.08 -0.21 -3.36
CA ILE B 167 -5.78 0.40 -2.23
C ILE B 167 -6.69 1.48 -2.79
N SER B 168 -7.98 1.44 -2.42
CA SER B 168 -8.93 2.42 -2.92
C SER B 168 -9.69 3.12 -1.78
N SER B 169 -10.10 4.37 -2.04
CA SER B 169 -10.93 5.08 -1.08
C SER B 169 -12.23 4.33 -0.83
N THR B 170 -12.84 3.77 -1.87
CA THR B 170 -14.09 3.03 -1.65
C THR B 170 -13.86 1.92 -0.64
N ASP B 171 -12.79 1.14 -0.79
CA ASP B 171 -12.55 0.04 0.13
C ASP B 171 -12.28 0.57 1.53
N CYS B 172 -11.56 1.70 1.65
CA CYS B 172 -11.32 2.27 2.97
C CYS B 172 -12.61 2.70 3.66
N ARG B 173 -13.51 3.36 2.93
CA ARG B 173 -14.78 3.77 3.52
C ARG B 173 -15.59 2.56 3.95
N GLN B 174 -15.62 1.51 3.14
CA GLN B 174 -16.41 0.34 3.49
C GLN B 174 -15.83 -0.34 4.73
N ARG B 175 -14.51 -0.41 4.83
CA ARG B 175 -13.92 -0.99 6.04
C ARG B 175 -14.30 -0.18 7.27
N ALA B 176 -14.26 1.15 7.16
CA ALA B 176 -14.63 1.99 8.31
C ALA B 176 -16.09 1.79 8.70
N GLU B 177 -16.98 1.72 7.70
CA GLU B 177 -18.38 1.48 7.98
C GLU B 177 -18.60 0.14 8.66
N GLN B 178 -17.82 -0.86 8.30
CA GLN B 178 -17.94 -2.19 8.86
C GLN B 178 -17.06 -2.41 10.08
N SER B 179 -16.40 -1.37 10.58
CA SER B 179 -15.53 -1.46 11.75
C SER B 179 -14.40 -2.47 11.54
N ARG B 180 -13.84 -2.50 10.34
CA ARG B 180 -12.65 -3.31 10.04
C ARG B 180 -11.44 -2.40 9.99
N PRO B 181 -10.25 -2.90 10.34
CA PRO B 181 -9.13 -1.98 10.61
C PRO B 181 -8.58 -1.33 9.35
N LEU B 182 -8.22 -0.06 9.47
CA LEU B 182 -7.62 0.72 8.40
C LEU B 182 -6.11 0.84 8.53
N TRP B 183 -5.53 0.28 9.59
CA TRP B 183 -4.09 0.38 9.84
C TRP B 183 -3.33 -0.12 8.63
N TYR B 184 -2.29 0.62 8.27
CA TYR B 184 -1.35 0.30 7.21
C TYR B 184 -1.89 0.53 5.80
N LEU B 185 -3.16 0.92 5.63
CA LEU B 185 -3.69 1.36 4.36
C LEU B 185 -3.52 2.85 4.17
N MET B 186 -3.33 3.56 5.27
CA MET B 186 -3.21 5.00 5.27
C MET B 186 -2.43 5.40 6.51
N PRO B 187 -1.89 6.62 6.54
CA PRO B 187 -1.13 7.02 7.72
C PRO B 187 -1.94 6.94 9.02
N ASP B 188 -1.23 6.63 10.11
CA ASP B 188 -1.85 6.52 11.43
C ASP B 188 -2.74 7.70 11.76
N GLY B 189 -2.25 8.92 11.51
CA GLY B 189 -3.03 10.09 11.82
C GLY B 189 -4.33 10.18 11.04
N VAL B 190 -4.35 9.64 9.82
CA VAL B 190 -5.59 9.66 9.05
C VAL B 190 -6.55 8.62 9.58
N VAL B 191 -6.05 7.42 9.90
CA VAL B 191 -6.88 6.39 10.53
C VAL B 191 -7.56 6.95 11.77
N GLN B 192 -6.80 7.64 12.63
CA GLN B 192 -7.36 8.10 13.89
C GLN B 192 -8.30 9.28 13.66
N TYR B 193 -8.00 10.14 12.69
CA TYR B 193 -8.91 11.23 12.39
C TYR B 193 -10.25 10.68 11.89
N VAL B 194 -10.19 9.69 10.99
CA VAL B 194 -11.41 9.07 10.50
C VAL B 194 -12.20 8.51 11.66
N SER B 195 -11.53 7.84 12.59
CA SER B 195 -12.24 7.21 13.69
C SER B 195 -12.80 8.25 14.65
N LYS B 196 -12.00 9.23 15.08
CA LYS B 196 -12.51 10.09 16.13
C LYS B 196 -13.50 11.13 15.64
N ARG B 197 -13.46 11.51 14.36
CA ARG B 197 -14.50 12.34 13.78
C ARG B 197 -15.63 11.51 13.18
N ARG B 198 -15.55 10.18 13.28
CA ARG B 198 -16.63 9.28 12.87
C ARG B 198 -17.09 9.54 11.44
N LEU B 199 -16.14 9.59 10.50
CA LEU B 199 -16.48 10.10 9.16
C LEU B 199 -17.39 9.16 8.37
N TYR B 200 -17.15 7.86 8.41
CA TYR B 200 -17.84 6.93 7.50
C TYR B 200 -18.60 5.89 8.32
N THR B 201 -19.78 6.26 8.76
CA THR B 201 -20.59 5.36 9.56
C THR B 201 -21.86 5.11 8.75
#